data_6JJY
#
_entry.id   6JJY
#
_cell.length_a   73.483
_cell.length_b   73.483
_cell.length_c   105.322
_cell.angle_alpha   90.00
_cell.angle_beta   90.00
_cell.angle_gamma   120.00
#
_symmetry.space_group_name_H-M   'P 3 2 1'
#
loop_
_entity.id
_entity.type
_entity.pdbx_description
1 polymer 'Protein KIBRA'
2 polymer 'Peptide from Dystroglycan'
3 non-polymer 'SULFATE ION'
4 water water
#
loop_
_entity_poly.entity_id
_entity_poly.type
_entity_poly.pdbx_seq_one_letter_code
_entity_poly.pdbx_strand_id
1 'polypeptide(L)'
;GPGSEFELPLPEGWEEARDFDGKVYYIDHRNRTTSWIDPRDRYTKPLTFADCISDELPLGWEEAYDPQVGDYFIDHNTKT
TQIEDPRVQWRREQEHMLKDYLVVAQEALSAQKEIYQVKQQRLELAQQEYQQLH
;
A
2 'polypeptide(L)' GPGSRPKNMTPYRSPPPYVPP U
#
# COMPACT_ATOMS: atom_id res chain seq x y z
N PHE A 6 -9.46 -9.58 32.01
CA PHE A 6 -8.16 -8.93 32.03
C PHE A 6 -7.62 -8.73 30.61
N GLU A 7 -7.12 -7.53 30.34
CA GLU A 7 -6.54 -7.21 29.02
C GLU A 7 -5.01 -7.32 29.03
N LEU A 8 -4.39 -6.88 27.93
CA LEU A 8 -2.94 -6.81 27.84
C LEU A 8 -2.46 -5.39 28.11
N PRO A 9 -1.38 -5.26 28.88
CA PRO A 9 -0.83 -3.94 29.23
C PRO A 9 -0.18 -3.22 28.05
N LEU A 10 -0.21 -1.89 28.09
CA LEU A 10 0.59 -1.10 27.17
C LEU A 10 2.06 -1.43 27.43
N PRO A 11 2.85 -1.56 26.36
CA PRO A 11 4.28 -1.78 26.56
C PRO A 11 4.89 -0.63 27.37
N GLU A 12 6.05 -0.89 27.97
CA GLU A 12 6.73 0.06 28.85
C GLU A 12 6.99 1.39 28.16
N GLY A 13 6.72 2.49 28.85
CA GLY A 13 6.96 3.79 28.24
C GLY A 13 5.72 4.38 27.56
N TRP A 14 4.69 3.55 27.36
CA TRP A 14 3.49 4.03 26.69
C TRP A 14 2.35 4.39 27.61
N GLU A 15 1.55 5.33 27.13
CA GLU A 15 0.36 5.75 27.81
C GLU A 15 -0.78 5.93 26.79
N GLU A 16 -2.01 5.70 27.23
CA GLU A 16 -3.16 5.96 26.39
C GLU A 16 -3.80 7.30 26.76
N ALA A 17 -4.35 8.02 25.78
CA ALA A 17 -5.03 9.28 26.06
C ALA A 17 -6.17 9.47 25.06
N ARG A 18 -6.94 10.54 25.24
CA ARG A 18 -8.09 10.81 24.37
C ARG A 18 -7.97 12.20 23.74
N ASP A 19 -8.15 12.30 22.43
CA ASP A 19 -8.14 13.62 21.78
C ASP A 19 -9.45 14.36 22.13
N PHE A 20 -9.51 15.65 21.81
CA PHE A 20 -10.69 16.49 22.09
C PHE A 20 -12.03 15.92 21.62
N ASP A 21 -12.02 15.30 20.44
CA ASP A 21 -13.16 14.63 19.84
C ASP A 21 -13.45 13.26 20.44
N GLY A 22 -12.67 12.87 21.44
CA GLY A 22 -12.84 11.57 22.09
C GLY A 22 -12.08 10.38 21.49
N LYS A 23 -11.34 10.61 20.40
CA LYS A 23 -10.63 9.49 19.77
C LYS A 23 -9.38 9.12 20.58
N VAL A 24 -9.20 7.82 20.81
CA VAL A 24 -8.08 7.34 21.62
C VAL A 24 -6.80 7.46 20.80
N TYR A 25 -5.71 7.85 21.46
CA TYR A 25 -4.39 7.81 20.84
C TYR A 25 -3.37 7.30 21.85
N TYR A 26 -2.16 7.06 21.39
CA TYR A 26 -1.16 6.43 22.24
C TYR A 26 0.11 7.25 22.32
N ILE A 27 0.63 7.36 23.52
CA ILE A 27 1.77 8.23 23.77
C ILE A 27 3.00 7.41 24.14
N ASP A 28 4.08 7.58 23.38
CA ASP A 28 5.35 6.91 23.63
C ASP A 28 6.32 7.88 24.31
N HIS A 29 6.42 7.81 25.63
CA HIS A 29 7.23 8.76 26.37
C HIS A 29 8.71 8.51 26.15
N ARG A 30 9.08 7.28 25.79
CA ARG A 30 10.49 6.96 25.63
C ARG A 30 11.02 7.69 24.40
N ASN A 31 10.22 7.71 23.33
CA ASN A 31 10.63 8.36 22.10
C ASN A 31 9.97 9.72 21.85
N ARG A 32 9.14 10.15 22.80
CA ARG A 32 8.50 11.47 22.70
C ARG A 32 7.73 11.63 21.40
N THR A 33 6.86 10.66 21.14
CA THR A 33 5.97 10.75 20.00
C THR A 33 4.59 10.22 20.36
N THR A 34 3.66 10.37 19.42
CA THR A 34 2.32 9.89 19.62
C THR A 34 1.88 9.14 18.38
N SER A 35 0.85 8.32 18.52
CA SER A 35 0.40 7.51 17.42
C SER A 35 -1.09 7.20 17.55
N TRP A 36 -1.78 7.11 16.41
CA TRP A 36 -3.17 6.67 16.44
C TRP A 36 -3.24 5.14 16.59
N ILE A 37 -2.12 4.47 16.35
CA ILE A 37 -2.05 3.00 16.36
C ILE A 37 -1.72 2.47 17.75
N ASP A 38 -2.61 1.64 18.29
CA ASP A 38 -2.41 0.95 19.54
C ASP A 38 -1.10 0.15 19.41
N PRO A 39 -0.11 0.37 20.31
CA PRO A 39 1.16 -0.33 20.11
C PRO A 39 1.02 -1.86 20.30
N ARG A 40 -0.09 -2.32 20.86
CA ARG A 40 -0.30 -3.75 21.01
C ARG A 40 -0.80 -4.38 19.71
N ASP A 41 -1.27 -3.56 18.77
CA ASP A 41 -1.80 -4.09 17.50
C ASP A 41 -0.71 -4.84 16.72
N ARG A 42 0.54 -4.40 16.88
CA ARG A 42 1.64 -4.96 16.11
C ARG A 42 1.84 -6.46 16.42
N TYR A 43 1.35 -6.94 17.55
CA TYR A 43 1.46 -8.36 17.86
C TYR A 43 0.30 -9.19 17.26
N THR A 44 -0.79 -8.52 16.91
CA THR A 44 -2.00 -9.23 16.46
C THR A 44 -2.28 -9.13 14.98
N LYS A 45 -2.30 -7.90 14.50
CA LYS A 45 -2.77 -7.61 13.16
C LYS A 45 -1.79 -8.04 12.09
N PRO A 46 -2.32 -8.43 10.93
CA PRO A 46 -1.51 -8.67 9.72
C PRO A 46 -0.80 -7.40 9.30
N LEU A 47 0.40 -7.55 8.76
CA LEU A 47 1.21 -6.39 8.43
C LEU A 47 0.89 -5.79 7.06
N THR A 48 0.42 -6.65 6.15
CA THR A 48 0.08 -6.21 4.80
C THR A 48 -1.24 -6.80 4.34
N PHE A 49 -1.76 -6.31 3.23
CA PHE A 49 -3.02 -6.82 2.73
C PHE A 49 -2.90 -8.29 2.33
N ALA A 50 -1.70 -8.70 1.92
CA ALA A 50 -1.43 -10.10 1.62
C ALA A 50 -1.69 -11.04 2.82
N ASP A 51 -1.34 -10.60 4.04
CA ASP A 51 -1.49 -11.45 5.23
C ASP A 51 -2.92 -11.49 5.78
N CYS A 52 -3.84 -10.74 5.16
CA CYS A 52 -5.21 -10.64 5.66
C CYS A 52 -6.12 -11.81 5.27
N ILE A 53 -6.98 -12.20 6.21
CA ILE A 53 -8.09 -13.12 5.99
C ILE A 53 -9.16 -12.94 7.06
N SER A 54 -10.37 -12.56 6.67
CA SER A 54 -10.72 -12.29 5.29
C SER A 54 -10.86 -10.79 5.11
N ASP A 55 -11.78 -10.23 5.88
CA ASP A 55 -12.14 -8.82 5.79
C ASP A 55 -11.23 -7.90 6.61
N GLU A 56 -10.32 -8.48 7.39
CA GLU A 56 -9.49 -7.73 8.33
C GLU A 56 -8.71 -6.62 7.63
N LEU A 57 -8.53 -5.50 8.33
CA LEU A 57 -7.60 -4.47 7.84
C LEU A 57 -6.23 -4.71 8.45
N PRO A 58 -5.17 -4.55 7.64
CA PRO A 58 -3.79 -4.67 8.13
C PRO A 58 -3.43 -3.55 9.12
N LEU A 59 -2.27 -3.72 9.76
CA LEU A 59 -1.74 -2.78 10.73
C LEU A 59 -1.75 -1.34 10.23
N GLY A 60 -2.29 -0.43 11.03
CA GLY A 60 -2.24 0.99 10.71
C GLY A 60 -3.35 1.49 9.83
N TRP A 61 -4.30 0.63 9.49
CA TRP A 61 -5.50 1.03 8.74
C TRP A 61 -6.74 1.12 9.64
N GLU A 62 -7.59 2.09 9.34
CA GLU A 62 -8.81 2.33 10.11
C GLU A 62 -10.00 2.59 9.22
N GLU A 63 -11.18 2.12 9.61
CA GLU A 63 -12.39 2.64 9.01
C GLU A 63 -12.75 3.94 9.70
N ALA A 64 -13.34 4.87 8.96
CA ALA A 64 -13.82 6.10 9.56
C ALA A 64 -15.04 6.60 8.79
N TYR A 65 -15.66 7.64 9.35
CA TYR A 65 -16.87 8.23 8.79
C TYR A 65 -16.85 9.73 9.00
N ASP A 66 -17.42 10.43 8.03
CA ASP A 66 -17.52 11.86 8.03
C ASP A 66 -18.80 12.18 7.24
N PRO A 67 -19.64 13.11 7.75
CA PRO A 67 -20.95 13.36 7.13
C PRO A 67 -20.85 13.96 5.74
N GLN A 68 -19.75 14.64 5.45
CA GLN A 68 -19.52 15.25 4.15
C GLN A 68 -19.19 14.17 3.11
N VAL A 69 -18.33 13.23 3.49
CA VAL A 69 -17.80 12.23 2.57
C VAL A 69 -18.43 10.83 2.76
N GLY A 70 -18.89 10.53 3.96
CA GLY A 70 -19.42 9.20 4.25
C GLY A 70 -18.32 8.28 4.77
N ASP A 71 -18.47 6.98 4.53
CA ASP A 71 -17.48 6.00 4.95
C ASP A 71 -16.19 6.15 4.17
N TYR A 72 -15.06 6.18 4.87
CA TYR A 72 -13.77 6.18 4.19
C TYR A 72 -12.72 5.41 5.01
N PHE A 73 -11.47 5.43 4.56
CA PHE A 73 -10.43 4.62 5.17
C PHE A 73 -9.22 5.49 5.46
N ILE A 74 -8.59 5.21 6.60
CA ILE A 74 -7.42 5.97 7.02
C ILE A 74 -6.23 5.05 7.05
N ASP A 75 -5.14 5.47 6.41
CA ASP A 75 -3.90 4.72 6.44
C ASP A 75 -2.82 5.48 7.23
N HIS A 76 -2.62 5.08 8.48
CA HIS A 76 -1.66 5.74 9.35
C HIS A 76 -0.25 5.40 8.93
N ASN A 77 -0.10 4.40 8.06
CA ASN A 77 1.22 4.03 7.57
C ASN A 77 1.73 5.10 6.61
N THR A 78 0.90 5.51 5.66
CA THR A 78 1.30 6.50 4.66
C THR A 78 0.73 7.89 4.95
N LYS A 79 -0.07 7.99 6.00
CA LYS A 79 -0.68 9.25 6.43
C LYS A 79 -1.53 9.83 5.31
N THR A 80 -2.39 8.96 4.76
CA THR A 80 -3.35 9.32 3.72
C THR A 80 -4.74 8.82 4.09
N THR A 81 -5.75 9.35 3.41
CA THR A 81 -7.11 8.87 3.51
C THR A 81 -7.63 8.57 2.12
N GLN A 82 -8.59 7.64 2.00
CA GLN A 82 -9.19 7.29 0.71
C GLN A 82 -10.62 6.80 0.84
N ILE A 83 -11.39 6.91 -0.24
CA ILE A 83 -12.74 6.41 -0.26
C ILE A 83 -12.77 4.93 -0.55
N GLU A 84 -12.01 4.52 -1.56
CA GLU A 84 -12.03 3.16 -2.05
C GLU A 84 -11.55 2.21 -0.97
N ASP A 85 -12.24 1.07 -0.87
CA ASP A 85 -11.85 0.00 0.01
C ASP A 85 -10.47 -0.52 -0.39
N PRO A 86 -9.48 -0.42 0.51
CA PRO A 86 -8.11 -0.80 0.15
C PRO A 86 -7.93 -2.31 0.01
N ARG A 87 -8.85 -3.09 0.58
CA ARG A 87 -8.77 -4.54 0.39
C ARG A 87 -9.17 -4.87 -1.05
N VAL A 88 -10.20 -4.19 -1.56
CA VAL A 88 -10.65 -4.35 -2.94
C VAL A 88 -9.58 -3.86 -3.89
N GLN A 89 -9.08 -2.67 -3.59
CA GLN A 89 -8.01 -2.04 -4.35
C GLN A 89 -6.78 -2.96 -4.44
N TRP A 90 -6.41 -3.59 -3.33
CA TRP A 90 -5.30 -4.54 -3.33
C TRP A 90 -5.53 -5.74 -4.24
N ARG A 91 -6.72 -6.35 -4.19
CA ARG A 91 -7.01 -7.50 -5.05
C ARG A 91 -6.96 -7.07 -6.52
N ARG A 92 -7.51 -5.88 -6.79
CA ARG A 92 -7.44 -5.28 -8.13
C ARG A 92 -5.99 -5.05 -8.58
N GLU A 93 -5.15 -4.52 -7.69
CA GLU A 93 -3.76 -4.28 -8.02
C GLU A 93 -3.02 -5.57 -8.32
N GLN A 94 -3.35 -6.64 -7.63
CA GLN A 94 -2.65 -7.89 -7.88
C GLN A 94 -3.00 -8.45 -9.26
N GLU A 95 -4.27 -8.32 -9.67
CA GLU A 95 -4.65 -8.78 -10.99
C GLU A 95 -4.01 -7.94 -12.10
N HIS A 96 -4.02 -6.61 -11.92
CA HIS A 96 -3.40 -5.70 -12.88
C HIS A 96 -1.92 -6.00 -13.09
N MET A 97 -1.22 -6.37 -12.02
CA MET A 97 0.20 -6.66 -12.13
C MET A 97 0.42 -7.93 -12.97
N LEU A 98 -0.37 -8.97 -12.72
CA LEU A 98 -0.23 -10.19 -13.50
C LEU A 98 -0.63 -9.93 -14.95
N LYS A 99 -1.58 -9.03 -15.16
CA LYS A 99 -1.97 -8.63 -16.52
C LYS A 99 -0.79 -7.93 -17.19
N ASP A 100 -0.20 -6.99 -16.47
CA ASP A 100 0.94 -6.24 -16.98
C ASP A 100 2.09 -7.18 -17.35
N TYR A 101 2.38 -8.15 -16.48
CA TYR A 101 3.44 -9.12 -16.78
C TYR A 101 3.07 -9.94 -18.01
N LEU A 102 1.79 -10.25 -18.17
CA LEU A 102 1.37 -11.03 -19.32
C LEU A 102 1.60 -10.21 -20.58
N VAL A 103 1.30 -8.92 -20.50
CA VAL A 103 1.42 -8.03 -21.64
C VAL A 103 2.89 -7.78 -22.01
N VAL A 104 3.78 -7.59 -21.04
CA VAL A 104 5.18 -7.34 -21.43
C VAL A 104 5.79 -8.63 -21.99
N ALA A 105 5.29 -9.78 -21.57
CA ALA A 105 5.75 -11.05 -22.15
C ALA A 105 5.36 -11.15 -23.63
N GLN A 106 4.18 -10.62 -23.97
CA GLN A 106 3.68 -10.64 -25.34
C GLN A 106 4.50 -9.68 -26.19
N GLU A 107 4.78 -8.50 -25.64
CA GLU A 107 5.61 -7.52 -26.33
C GLU A 107 7.06 -7.98 -26.47
N ALA A 108 7.59 -8.65 -25.45
CA ALA A 108 8.97 -9.15 -25.55
C ALA A 108 9.04 -10.22 -26.61
N LEU A 109 8.06 -11.11 -26.63
CA LEU A 109 8.01 -12.15 -27.65
C LEU A 109 7.92 -11.51 -29.03
N SER A 110 7.03 -10.53 -29.20
CA SER A 110 6.86 -9.88 -30.50
C SER A 110 8.15 -9.22 -31.02
N ALA A 111 8.84 -8.49 -30.15
CA ALA A 111 10.10 -7.86 -30.50
C ALA A 111 11.20 -8.89 -30.82
N GLN A 112 11.25 -10.01 -30.12
CA GLN A 112 12.25 -11.04 -30.44
C GLN A 112 11.95 -11.72 -31.75
N LYS A 113 10.67 -11.82 -32.12
CA LYS A 113 10.35 -12.40 -33.43
C LYS A 113 10.99 -11.50 -34.49
N GLU A 114 10.84 -10.18 -34.32
CA GLU A 114 11.43 -9.22 -35.26
C GLU A 114 12.95 -9.36 -35.31
N ILE A 115 13.61 -9.38 -34.17
CA ILE A 115 15.06 -9.63 -34.12
C ILE A 115 15.47 -10.92 -34.86
N TYR A 116 14.79 -12.02 -34.56
CA TYR A 116 15.02 -13.28 -35.27
C TYR A 116 14.97 -13.10 -36.79
N GLN A 117 13.99 -12.33 -37.26
CA GLN A 117 13.83 -12.15 -38.70
C GLN A 117 14.91 -11.23 -39.27
N VAL A 118 15.31 -10.24 -38.49
CA VAL A 118 16.46 -9.42 -38.88
C VAL A 118 17.68 -10.32 -39.02
N LYS A 119 17.90 -11.20 -38.04
CA LYS A 119 19.05 -12.11 -38.08
C LYS A 119 19.01 -13.05 -39.30
N GLN A 120 17.83 -13.52 -39.72
CA GLN A 120 17.85 -14.37 -40.91
C GLN A 120 18.06 -13.53 -42.16
N GLN A 121 17.67 -12.25 -42.15
CA GLN A 121 18.01 -11.36 -43.26
C GLN A 121 19.53 -11.11 -43.31
N ARG A 122 20.17 -10.96 -42.15
CA ARG A 122 21.62 -10.76 -42.14
C ARG A 122 22.34 -12.00 -42.63
N LEU A 123 21.78 -13.17 -42.32
CA LEU A 123 22.38 -14.41 -42.83
C LEU A 123 22.33 -14.46 -44.35
N GLU A 124 21.22 -14.01 -44.93
CA GLU A 124 21.08 -14.02 -46.39
C GLU A 124 22.09 -13.08 -47.03
N LEU A 125 22.29 -11.90 -46.43
CA LEU A 125 23.24 -10.95 -46.96
C LEU A 125 24.68 -11.47 -46.83
N ALA A 126 25.00 -12.10 -45.70
CA ALA A 126 26.34 -12.70 -45.54
C ALA A 126 26.53 -13.81 -46.57
N GLN A 127 25.45 -14.50 -46.93
CA GLN A 127 25.53 -15.52 -47.96
C GLN A 127 25.81 -14.89 -49.31
N GLN A 128 25.08 -13.84 -49.66
CA GLN A 128 25.34 -13.11 -50.90
C GLN A 128 26.77 -12.63 -51.00
N GLU A 129 27.22 -11.88 -50.00
CA GLU A 129 28.59 -11.39 -50.01
C GLU A 129 29.59 -12.52 -50.24
N TYR A 130 29.37 -13.66 -49.59
CA TYR A 130 30.29 -14.80 -49.67
C TYR A 130 30.27 -15.51 -51.03
N GLN A 131 29.08 -15.67 -51.61
CA GLN A 131 28.93 -16.33 -52.91
C GLN A 131 29.26 -15.39 -54.10
N GLN A 132 29.91 -14.26 -53.78
CA GLN A 132 30.43 -13.33 -54.78
C GLN A 132 31.92 -13.57 -55.02
N LEU A 133 32.39 -14.79 -54.77
CA LEU A 133 33.75 -15.16 -55.10
C LEU A 133 33.71 -16.29 -56.10
N ARG B 5 -10.90 10.15 -5.16
CA ARG B 5 -11.34 10.96 -4.03
C ARG B 5 -12.20 12.16 -4.50
N PRO B 6 -13.11 12.64 -3.64
CA PRO B 6 -13.89 13.86 -3.90
C PRO B 6 -13.11 15.16 -3.67
N LYS B 7 -13.70 16.28 -4.05
CA LYS B 7 -13.07 17.60 -3.91
C LYS B 7 -13.07 18.08 -2.45
N ASN B 8 -14.02 17.58 -1.67
CA ASN B 8 -14.08 17.91 -0.25
C ASN B 8 -13.56 16.77 0.64
N MET B 9 -12.61 16.00 0.11
CA MET B 9 -12.12 14.80 0.80
C MET B 9 -11.44 15.12 2.12
N THR B 10 -11.89 14.45 3.18
CA THR B 10 -11.31 14.58 4.51
C THR B 10 -9.82 14.23 4.50
N PRO B 11 -8.96 15.25 4.75
CA PRO B 11 -7.49 15.08 4.73
C PRO B 11 -6.99 14.35 5.98
N TYR B 12 -5.78 13.78 5.91
CA TYR B 12 -5.22 13.02 7.02
C TYR B 12 -5.06 13.86 8.29
N ARG B 13 -5.57 13.37 9.41
N ARG B 13 -5.60 13.38 9.40
CA ARG B 13 -5.39 14.05 10.70
CA ARG B 13 -5.38 14.00 10.70
C ARG B 13 -4.29 13.36 11.49
C ARG B 13 -4.23 13.31 11.41
N SER B 14 -3.17 14.07 11.67
CA SER B 14 -2.03 13.53 12.39
C SER B 14 -2.39 13.39 13.88
N PRO B 15 -1.72 12.48 14.61
CA PRO B 15 -2.04 12.32 16.04
C PRO B 15 -1.65 13.58 16.85
N PRO B 16 -2.18 13.73 18.07
CA PRO B 16 -1.92 15.01 18.78
C PRO B 16 -0.44 15.15 19.14
N PRO B 17 0.03 16.39 19.35
CA PRO B 17 1.46 16.56 19.60
C PRO B 17 1.88 15.83 20.88
N TYR B 18 3.12 15.33 20.95
CA TYR B 18 3.65 14.75 22.17
C TYR B 18 3.70 15.77 23.29
N VAL B 19 3.35 15.31 24.47
CA VAL B 19 3.26 16.17 25.61
C VAL B 19 3.66 15.34 26.84
N PRO B 20 4.58 15.87 27.66
CA PRO B 20 5.09 15.18 28.86
C PRO B 20 3.99 14.90 29.90
N PRO B 21 4.26 14.02 30.88
CA PRO B 21 3.33 13.74 31.99
C PRO B 21 2.81 15.03 32.68
#